data_5W7Y
#
_entry.id   5W7Y
#
_cell.length_a   54.799
_cell.length_b   31.072
_cell.length_c   118.908
_cell.angle_alpha   90.00
_cell.angle_beta   97.84
_cell.angle_gamma   90.00
#
_symmetry.space_group_name_H-M   'C 1 2 1'
#
loop_
_entity.id
_entity.type
_entity.pdbx_description
1 polymer 'Aprataxin and PNK-like factor'
2 polymer 'DNA repair protein XRCC1'
3 water water
#
loop_
_entity_poly.entity_id
_entity_poly.type
_entity_poly.pdbx_seq_one_letter_code
_entity_poly.pdbx_strand_id
1 'polypeptide(L)'
;SFTMSGGFELQPRDGGPRVALAPGETVIGRGPLLGITDKRVSRRHAILEVAGGQLRIKPIHTNPCFYQSSEKSQLLPLKP
NLWCYLNPGDSFSLLVDKYIFRILSIPS
;
A,B
2 'polypeptide(L)' PYAGE(TPO)DE D,C
#
# COMPACT_ATOMS: atom_id res chain seq x y z
N GLY A 6 2.78 -27.35 -6.96
CA GLY A 6 2.53 -26.47 -5.83
C GLY A 6 2.59 -25.01 -6.22
N GLY A 7 1.78 -24.19 -5.52
CA GLY A 7 1.73 -22.77 -5.77
C GLY A 7 2.51 -21.98 -4.73
N PHE A 8 2.37 -20.65 -4.80
CA PHE A 8 3.13 -19.76 -3.96
C PHE A 8 2.33 -18.50 -3.67
N GLU A 9 2.61 -17.89 -2.52
CA GLU A 9 2.07 -16.58 -2.17
C GLU A 9 3.12 -15.81 -1.38
N LEU A 10 2.97 -14.49 -1.37
CA LEU A 10 3.89 -13.59 -0.68
C LEU A 10 3.29 -13.13 0.63
N GLN A 11 4.11 -13.13 1.68
CA GLN A 11 3.70 -12.63 2.99
C GLN A 11 4.50 -11.38 3.32
N PRO A 12 3.92 -10.18 3.21
CA PRO A 12 4.65 -8.97 3.61
C PRO A 12 5.06 -9.04 5.08
N ARG A 13 6.33 -8.72 5.34
CA ARG A 13 6.81 -8.70 6.71
C ARG A 13 6.23 -7.53 7.50
N ASP A 14 5.71 -6.51 6.81
CA ASP A 14 5.09 -5.38 7.48
C ASP A 14 3.63 -5.63 7.86
N GLY A 15 3.16 -6.87 7.76
CA GLY A 15 1.81 -7.19 8.18
C GLY A 15 0.73 -6.86 7.17
N GLY A 16 1.09 -6.59 5.92
CA GLY A 16 0.11 -6.40 4.88
C GLY A 16 -0.51 -7.72 4.47
N PRO A 17 -1.68 -7.68 3.84
CA PRO A 17 -2.32 -8.94 3.42
C PRO A 17 -1.50 -9.69 2.39
N ARG A 18 -1.68 -11.01 2.38
CA ARG A 18 -0.90 -11.87 1.51
C ARG A 18 -1.22 -11.60 0.03
N VAL A 19 -0.25 -11.90 -0.83
CA VAL A 19 -0.38 -11.71 -2.27
C VAL A 19 -0.18 -13.06 -2.93
N ALA A 20 -1.21 -13.55 -3.62
CA ALA A 20 -1.10 -14.78 -4.37
C ALA A 20 -0.38 -14.53 -5.69
N LEU A 21 0.36 -15.54 -6.15
CA LEU A 21 1.11 -15.46 -7.39
C LEU A 21 0.52 -16.41 -8.42
N ALA A 22 0.28 -15.88 -9.62
CA ALA A 22 -0.27 -16.68 -10.70
C ALA A 22 0.83 -17.53 -11.33
N PRO A 23 0.49 -18.66 -11.93
CA PRO A 23 1.48 -19.41 -12.71
C PRO A 23 2.08 -18.55 -13.80
N GLY A 24 3.36 -18.81 -14.09
CA GLY A 24 4.10 -18.01 -15.06
C GLY A 24 4.84 -16.87 -14.39
N GLU A 25 5.12 -15.85 -15.20
CA GLU A 25 5.86 -14.69 -14.74
C GLU A 25 4.92 -13.63 -14.19
N THR A 26 5.37 -12.93 -13.15
CA THR A 26 4.69 -11.75 -12.62
C THR A 26 5.74 -10.66 -12.40
N VAL A 27 5.50 -9.49 -12.97
CA VAL A 27 6.34 -8.33 -12.70
C VAL A 27 5.95 -7.75 -11.35
N ILE A 28 6.96 -7.51 -10.50
CA ILE A 28 6.73 -6.90 -9.19
C ILE A 28 7.50 -5.60 -9.13
N GLY A 29 7.05 -4.73 -8.24
CA GLY A 29 7.68 -3.45 -8.02
C GLY A 29 6.66 -2.41 -7.60
N ARG A 30 6.89 -1.17 -8.03
CA ARG A 30 5.99 -0.08 -7.72
C ARG A 30 4.67 -0.27 -8.43
N GLY A 31 3.57 -0.28 -7.67
CA GLY A 31 2.26 -0.55 -8.22
C GLY A 31 1.31 -1.10 -7.17
N PRO A 32 0.04 -1.28 -7.54
CA PRO A 32 -0.96 -1.68 -6.55
C PRO A 32 -0.85 -3.12 -6.07
N LEU A 33 -0.24 -4.01 -6.86
CA LEU A 33 -0.18 -5.41 -6.45
C LEU A 33 0.48 -5.56 -5.09
N LEU A 34 1.63 -4.91 -4.89
CA LEU A 34 2.34 -4.95 -3.63
C LEU A 34 2.15 -3.68 -2.80
N GLY A 35 1.45 -2.68 -3.33
CA GLY A 35 1.23 -1.45 -2.60
C GLY A 35 2.49 -0.63 -2.40
N ILE A 36 3.44 -0.71 -3.33
CA ILE A 36 4.71 -0.03 -3.20
C ILE A 36 4.64 1.31 -3.92
N THR A 37 5.02 2.38 -3.23
CA THR A 37 4.98 3.73 -3.77
C THR A 37 6.33 4.42 -3.83
N ASP A 38 7.32 3.98 -3.06
CA ASP A 38 8.63 4.62 -3.08
C ASP A 38 9.20 4.61 -4.49
N LYS A 39 9.59 5.80 -4.96
CA LYS A 39 10.04 5.96 -6.34
C LYS A 39 11.43 5.39 -6.59
N ARG A 40 12.12 4.91 -5.56
CA ARG A 40 13.35 4.16 -5.76
C ARG A 40 13.09 2.75 -6.27
N VAL A 41 11.86 2.27 -6.14
CA VAL A 41 11.47 0.96 -6.67
C VAL A 41 10.86 1.18 -8.06
N SER A 42 11.40 0.48 -9.04
CA SER A 42 10.88 0.58 -10.40
C SER A 42 9.51 -0.09 -10.50
N ARG A 43 8.70 0.42 -11.43
CA ARG A 43 7.46 -0.27 -11.77
C ARG A 43 7.74 -1.64 -12.36
N ARG A 44 8.94 -1.86 -12.89
N ARG A 44 8.94 -1.86 -12.90
CA ARG A 44 9.40 -3.17 -13.35
CA ARG A 44 9.39 -3.17 -13.34
C ARG A 44 10.71 -3.48 -12.61
C ARG A 44 10.71 -3.48 -12.61
N HIS A 45 10.60 -3.76 -11.32
CA HIS A 45 11.78 -3.94 -10.49
C HIS A 45 12.34 -5.35 -10.56
N ALA A 46 11.49 -6.36 -10.70
CA ALA A 46 11.94 -7.74 -10.74
C ALA A 46 10.82 -8.61 -11.30
N ILE A 47 11.20 -9.79 -11.76
CA ILE A 47 10.28 -10.79 -12.27
C ILE A 47 10.25 -11.96 -11.30
N LEU A 48 9.05 -12.42 -10.97
CA LEU A 48 8.84 -13.68 -10.26
C LEU A 48 8.23 -14.68 -11.23
N GLU A 49 8.79 -15.88 -11.29
CA GLU A 49 8.27 -16.94 -12.15
C GLU A 49 7.90 -18.14 -11.31
N VAL A 50 6.65 -18.55 -11.37
CA VAL A 50 6.19 -19.82 -10.81
C VAL A 50 6.06 -20.80 -11.96
N ALA A 51 6.79 -21.91 -11.88
CA ALA A 51 6.77 -22.91 -12.94
C ALA A 51 7.23 -24.24 -12.37
N GLY A 52 6.46 -25.30 -12.65
CA GLY A 52 6.83 -26.64 -12.22
C GLY A 52 7.06 -26.75 -10.73
N GLY A 53 6.27 -26.02 -9.94
CA GLY A 53 6.39 -26.11 -8.49
C GLY A 53 7.60 -25.40 -7.91
N GLN A 54 8.19 -24.46 -8.65
CA GLN A 54 9.33 -23.70 -8.19
C GLN A 54 9.11 -22.21 -8.44
N LEU A 55 9.64 -21.38 -7.55
CA LEU A 55 9.63 -19.94 -7.69
C LEU A 55 11.06 -19.44 -7.83
N ARG A 56 11.30 -18.61 -8.83
CA ARG A 56 12.59 -17.93 -8.97
C ARG A 56 12.34 -16.45 -9.23
N ILE A 57 13.31 -15.63 -8.84
CA ILE A 57 13.23 -14.18 -8.95
C ILE A 57 14.42 -13.69 -9.75
N LYS A 58 14.19 -12.69 -10.59
CA LYS A 58 15.25 -12.07 -11.39
C LYS A 58 15.20 -10.56 -11.22
N PRO A 59 16.20 -9.94 -10.59
CA PRO A 59 16.24 -8.47 -10.55
C PRO A 59 16.54 -7.90 -11.93
N ILE A 60 15.69 -6.98 -12.38
CA ILE A 60 15.78 -6.44 -13.74
C ILE A 60 15.95 -4.93 -13.76
N HIS A 61 16.29 -4.31 -12.63
CA HIS A 61 16.50 -2.87 -12.59
C HIS A 61 17.85 -2.56 -11.95
N THR A 62 18.36 -1.36 -12.26
CA THR A 62 19.60 -0.89 -11.66
C THR A 62 19.53 -0.97 -10.14
N ASN A 63 18.46 -0.46 -9.56
CA ASN A 63 18.27 -0.58 -8.12
C ASN A 63 18.00 -2.04 -7.77
N PRO A 64 18.72 -2.62 -6.81
CA PRO A 64 18.76 -4.07 -6.69
C PRO A 64 17.60 -4.65 -5.89
N CYS A 65 17.51 -5.97 -5.92
CA CYS A 65 16.72 -6.74 -4.99
C CYS A 65 17.63 -7.37 -3.96
N PHE A 66 17.03 -7.82 -2.86
CA PHE A 66 17.78 -8.39 -1.75
C PHE A 66 17.19 -9.74 -1.39
N TYR A 67 18.04 -10.63 -0.88
CA TYR A 67 17.69 -12.02 -0.63
C TYR A 67 18.10 -12.42 0.78
N GLN A 68 17.24 -13.20 1.44
CA GLN A 68 17.52 -13.70 2.78
C GLN A 68 16.92 -15.09 2.89
N SER A 69 17.78 -16.11 2.89
CA SER A 69 17.30 -17.48 3.01
C SER A 69 16.71 -17.74 4.39
N SER A 70 15.89 -18.79 4.47
CA SER A 70 15.07 -19.02 5.66
C SER A 70 15.92 -19.17 6.93
N GLU A 71 17.13 -19.71 6.81
CA GLU A 71 17.97 -19.97 7.98
C GLU A 71 19.04 -18.90 8.18
N LYS A 72 18.94 -17.78 7.50
CA LYS A 72 19.90 -16.69 7.61
C LYS A 72 19.20 -15.44 8.14
N SER A 73 19.97 -14.37 8.35
CA SER A 73 19.47 -13.24 9.12
C SER A 73 19.82 -11.88 8.51
N GLN A 74 20.20 -11.82 7.24
CA GLN A 74 20.60 -10.56 6.63
C GLN A 74 20.18 -10.54 5.17
N LEU A 75 19.68 -9.40 4.72
CA LEU A 75 19.23 -9.22 3.35
C LEU A 75 20.44 -8.94 2.46
N LEU A 76 20.75 -9.86 1.59
CA LEU A 76 21.94 -9.75 0.73
C LEU A 76 21.55 -9.21 -0.65
N PRO A 77 22.33 -8.32 -1.26
CA PRO A 77 21.96 -7.86 -2.60
C PRO A 77 22.12 -8.94 -3.65
N LEU A 78 21.15 -9.01 -4.54
CA LEU A 78 21.13 -10.05 -5.56
C LEU A 78 21.91 -9.61 -6.79
N LYS A 79 22.53 -10.59 -7.44
CA LYS A 79 23.23 -10.31 -8.68
C LYS A 79 22.25 -9.76 -9.71
N PRO A 80 22.53 -8.63 -10.36
CA PRO A 80 21.58 -8.09 -11.34
C PRO A 80 21.34 -9.06 -12.50
N ASN A 81 20.07 -9.15 -12.89
CA ASN A 81 19.64 -9.88 -14.09
C ASN A 81 19.95 -11.38 -14.03
N LEU A 82 20.15 -11.94 -12.84
CA LEU A 82 20.29 -13.38 -12.69
C LEU A 82 19.09 -13.94 -11.94
N TRP A 83 18.72 -15.17 -12.28
CA TRP A 83 17.65 -15.87 -11.59
C TRP A 83 18.17 -16.46 -10.28
N CYS A 84 17.33 -16.42 -9.25
CA CYS A 84 17.58 -17.04 -7.97
C CYS A 84 16.33 -17.78 -7.54
N TYR A 85 16.46 -19.07 -7.25
CA TYR A 85 15.32 -19.85 -6.78
C TYR A 85 15.04 -19.54 -5.32
N LEU A 86 13.76 -19.40 -4.99
CA LEU A 86 13.33 -19.04 -3.65
C LEU A 86 12.57 -20.21 -3.04
N ASN A 87 13.01 -20.67 -1.89
CA ASN A 87 12.34 -21.74 -1.18
C ASN A 87 11.32 -21.19 -0.19
N PRO A 88 10.33 -21.99 0.18
CA PRO A 88 9.44 -21.59 1.28
C PRO A 88 10.24 -21.23 2.52
N GLY A 89 9.90 -20.09 3.12
CA GLY A 89 10.60 -19.58 4.26
C GLY A 89 11.62 -18.50 3.93
N ASP A 90 12.12 -18.49 2.70
CA ASP A 90 13.04 -17.44 2.26
C ASP A 90 12.31 -16.11 2.19
N SER A 91 13.09 -15.04 2.11
CA SER A 91 12.57 -13.70 1.91
C SER A 91 13.35 -13.00 0.82
N PHE A 92 12.66 -12.10 0.13
CA PHE A 92 13.29 -11.14 -0.77
C PHE A 92 12.72 -9.77 -0.47
N SER A 93 13.42 -8.73 -0.93
CA SER A 93 12.92 -7.37 -0.73
C SER A 93 13.38 -6.49 -1.88
N LEU A 94 12.66 -5.39 -2.06
CA LEU A 94 12.95 -4.44 -3.13
C LEU A 94 13.73 -3.22 -2.62
N LEU A 95 13.91 -3.10 -1.31
CA LEU A 95 14.91 -2.22 -0.73
C LEU A 95 15.59 -2.98 0.41
N VAL A 96 16.77 -2.51 0.81
CA VAL A 96 17.57 -3.26 1.78
C VAL A 96 16.85 -3.39 3.11
N ASP A 97 16.00 -2.43 3.45
CA ASP A 97 15.37 -2.38 4.77
C ASP A 97 13.86 -2.26 4.68
N LYS A 98 13.29 -2.34 3.48
CA LYS A 98 11.89 -1.99 3.28
C LYS A 98 11.33 -2.86 2.16
N TYR A 99 10.02 -3.12 2.22
CA TYR A 99 9.33 -3.89 1.21
C TYR A 99 9.87 -5.33 1.18
N ILE A 100 9.75 -6.00 2.31
CA ILE A 100 10.27 -7.35 2.51
C ILE A 100 9.12 -8.34 2.40
N PHE A 101 9.35 -9.47 1.75
CA PHE A 101 8.30 -10.45 1.49
C PHE A 101 8.83 -11.85 1.73
N ARG A 102 8.08 -12.62 2.52
CA ARG A 102 8.42 -14.01 2.82
C ARG A 102 7.68 -14.93 1.87
N ILE A 103 8.34 -16.02 1.46
CA ILE A 103 7.77 -16.97 0.52
C ILE A 103 7.02 -18.06 1.28
N LEU A 104 5.75 -18.24 0.91
CA LEU A 104 4.95 -19.35 1.42
C LEU A 104 4.53 -20.24 0.24
N SER A 105 4.46 -21.54 0.49
CA SER A 105 4.05 -22.48 -0.53
C SER A 105 2.56 -22.82 -0.37
N ILE A 106 1.97 -23.25 -1.47
CA ILE A 106 0.59 -23.70 -1.49
C ILE A 106 0.54 -25.06 -2.16
N PRO A 107 0.25 -26.14 -1.41
CA PRO A 107 -0.07 -26.19 0.02
C PRO A 107 1.10 -25.83 0.92
N SER A 108 0.80 -25.50 2.17
CA SER A 108 1.82 -25.14 3.16
C SER A 108 2.01 -26.29 4.15
N PRO B 1 -0.70 7.55 -7.00
CA PRO B 1 0.32 7.24 -6.00
C PRO B 1 1.39 6.30 -6.56
N TYR B 2 1.06 5.63 -7.68
CA TYR B 2 1.94 4.64 -8.27
C TYR B 2 2.58 5.11 -9.57
N ALA B 3 2.23 6.29 -10.07
CA ALA B 3 2.74 6.78 -11.33
C ALA B 3 3.96 7.67 -11.11
N GLY B 4 4.68 7.94 -12.19
CA GLY B 4 5.88 8.73 -12.15
C GLY B 4 7.11 7.89 -12.45
N GLU B 5 8.13 8.55 -13.00
CA GLU B 5 9.36 7.85 -13.36
C GLU B 5 10.13 7.42 -12.13
N ASP B 7 13.37 6.70 -9.65
CA ASP B 7 14.59 7.39 -9.27
C ASP B 7 15.75 6.44 -9.05
N GLU B 8 16.94 6.83 -9.49
CA GLU B 8 18.16 6.09 -9.21
C GLU B 8 18.95 6.79 -8.11
N GLY C 6 -6.51 28.18 -0.42
CA GLY C 6 -7.15 27.50 0.69
C GLY C 6 -7.41 26.03 0.40
N GLY C 7 -6.35 25.28 0.11
CA GLY C 7 -6.46 23.89 -0.26
C GLY C 7 -6.08 22.95 0.86
N PHE C 8 -6.17 21.65 0.56
CA PHE C 8 -5.82 20.59 1.50
C PHE C 8 -5.18 19.45 0.74
N GLU C 9 -4.33 18.69 1.43
CA GLU C 9 -3.82 17.43 0.90
C GLU C 9 -3.67 16.46 2.05
N LEU C 10 -3.54 15.18 1.70
CA LEU C 10 -3.46 14.09 2.66
C LEU C 10 -2.04 13.54 2.70
N GLN C 11 -1.57 13.25 3.91
CA GLN C 11 -0.29 12.57 4.09
C GLN C 11 -0.54 11.21 4.71
N PRO C 12 -0.38 10.10 3.97
CA PRO C 12 -0.46 8.79 4.62
C PRO C 12 0.53 8.70 5.77
N ARG C 13 0.04 8.25 6.93
CA ARG C 13 0.91 8.12 8.09
C ARG C 13 2.01 7.07 7.89
N ASP C 14 1.90 6.25 6.85
CA ASP C 14 2.97 5.32 6.50
C ASP C 14 4.07 5.99 5.68
N GLY C 15 4.09 7.31 5.59
CA GLY C 15 5.14 8.03 4.90
C GLY C 15 5.06 8.01 3.39
N GLY C 16 3.96 7.52 2.82
CA GLY C 16 3.80 7.50 1.39
C GLY C 16 3.66 8.89 0.80
N PRO C 17 3.40 8.97 -0.50
CA PRO C 17 3.30 10.28 -1.16
C PRO C 17 1.99 10.99 -0.84
N ARG C 18 2.03 12.31 -0.93
CA ARG C 18 0.88 13.13 -0.63
C ARG C 18 -0.20 12.95 -1.70
N VAL C 19 -1.46 13.02 -1.26
CA VAL C 19 -2.61 12.95 -2.15
C VAL C 19 -3.28 14.32 -2.17
N ALA C 20 -3.43 14.89 -3.35
CA ALA C 20 -4.10 16.17 -3.49
C ALA C 20 -5.60 15.99 -3.53
N LEU C 21 -6.32 17.02 -3.08
CA LEU C 21 -7.78 17.00 -3.04
C LEU C 21 -8.29 18.14 -3.91
N ALA C 22 -9.12 17.79 -4.90
CA ALA C 22 -9.69 18.79 -5.77
C ALA C 22 -10.80 19.56 -5.05
N PRO C 23 -11.15 20.75 -5.54
CA PRO C 23 -12.34 21.43 -5.01
C PRO C 23 -13.56 20.56 -5.16
N GLY C 24 -14.50 20.70 -4.23
CA GLY C 24 -15.71 19.90 -4.25
C GLY C 24 -15.52 18.55 -3.57
N GLU C 25 -16.41 17.63 -3.93
CA GLU C 25 -16.42 16.31 -3.31
C GLU C 25 -15.43 15.37 -3.98
N THR C 26 -14.84 14.49 -3.17
CA THR C 26 -13.97 13.42 -3.64
C THR C 26 -14.32 12.16 -2.88
N VAL C 27 -14.65 11.10 -3.62
CA VAL C 27 -14.90 9.80 -3.00
C VAL C 27 -13.55 9.15 -2.72
N ILE C 28 -13.39 8.62 -1.50
CA ILE C 28 -12.16 7.96 -1.12
C ILE C 28 -12.45 6.53 -0.72
N GLY C 29 -11.43 5.70 -0.81
CA GLY C 29 -11.53 4.31 -0.44
C GLY C 29 -10.67 3.47 -1.36
N ARG C 30 -11.18 2.29 -1.71
CA ARG C 30 -10.46 1.36 -2.57
C ARG C 30 -10.49 1.87 -4.01
N GLY C 31 -9.32 2.13 -4.57
CA GLY C 31 -9.21 2.66 -5.91
C GLY C 31 -7.89 3.36 -6.18
N PRO C 32 -7.76 3.95 -7.37
CA PRO C 32 -6.46 4.50 -7.77
C PRO C 32 -6.08 5.80 -7.09
N LEU C 33 -7.01 6.57 -6.53
CA LEU C 33 -6.62 7.82 -5.88
C LEU C 33 -5.68 7.54 -4.70
N LEU C 34 -6.15 6.75 -3.74
CA LEU C 34 -5.33 6.39 -2.59
C LEU C 34 -4.48 5.15 -2.85
N GLY C 35 -4.81 4.36 -3.87
CA GLY C 35 -4.05 3.16 -4.16
C GLY C 35 -4.32 1.99 -3.25
N ILE C 36 -5.44 2.00 -2.53
CA ILE C 36 -5.77 0.94 -1.59
C ILE C 36 -6.43 -0.21 -2.33
N THR C 37 -5.94 -1.42 -2.10
CA THR C 37 -6.52 -2.64 -2.66
C THR C 37 -7.16 -3.53 -1.62
N ASP C 38 -7.07 -3.17 -0.34
CA ASP C 38 -7.66 -3.97 0.72
C ASP C 38 -9.17 -4.04 0.56
N LYS C 39 -9.70 -5.26 0.46
CA LYS C 39 -11.12 -5.45 0.24
C LYS C 39 -11.98 -5.15 1.48
N ARG C 40 -11.37 -4.94 2.64
CA ARG C 40 -12.11 -4.42 3.79
C ARG C 40 -12.48 -2.95 3.62
N VAL C 41 -11.83 -2.26 2.67
CA VAL C 41 -12.07 -0.84 2.41
C VAL C 41 -13.01 -0.73 1.23
N SER C 42 -14.14 -0.07 1.44
CA SER C 42 -15.11 0.10 0.36
C SER C 42 -14.53 0.95 -0.75
N ARG C 43 -15.01 0.68 -1.98
CA ARG C 43 -14.70 1.57 -3.09
C ARG C 43 -15.41 2.91 -2.94
N ARG C 44 -16.48 2.96 -2.13
CA ARG C 44 -17.13 4.22 -1.74
C ARG C 44 -17.19 4.26 -0.22
N HIS C 45 -16.04 4.46 0.41
CA HIS C 45 -15.95 4.39 1.87
C HIS C 45 -16.37 5.70 2.53
N ALA C 46 -15.96 6.83 1.96
CA ALA C 46 -16.25 8.13 2.55
C ALA C 46 -16.21 9.18 1.46
N ILE C 47 -16.72 10.37 1.80
CA ILE C 47 -16.67 11.53 0.94
C ILE C 47 -15.85 12.61 1.64
N LEU C 48 -14.89 13.19 0.91
CA LEU C 48 -14.19 14.39 1.35
C LEU C 48 -14.68 15.55 0.50
N GLU C 49 -15.00 16.66 1.16
CA GLU C 49 -15.48 17.85 0.48
C GLU C 49 -14.59 19.03 0.86
N VAL C 50 -13.97 19.63 -0.15
CA VAL C 50 -13.24 20.89 0.01
C VAL C 50 -14.14 22.00 -0.55
N ALA C 51 -14.45 22.99 0.28
CA ALA C 51 -15.32 24.07 -0.14
C ALA C 51 -15.12 25.25 0.80
N GLY C 52 -15.11 26.45 0.22
CA GLY C 52 -14.98 27.67 1.00
C GLY C 52 -13.85 27.63 2.00
N GLY C 53 -12.77 26.91 1.66
CA GLY C 53 -11.61 26.85 2.53
C GLY C 53 -11.68 25.85 3.65
N GLN C 54 -12.67 24.96 3.66
CA GLN C 54 -12.82 23.97 4.72
C GLN C 54 -12.85 22.57 4.13
N LEU C 55 -12.57 21.59 4.99
CA LEU C 55 -12.58 20.18 4.63
C LEU C 55 -13.45 19.44 5.63
N ARG C 56 -14.43 18.68 5.12
CA ARG C 56 -15.25 17.82 5.95
C ARG C 56 -15.35 16.44 5.32
N ILE C 57 -15.62 15.44 6.17
CA ILE C 57 -15.66 14.03 5.76
C ILE C 57 -17.00 13.46 6.19
N LYS C 58 -17.56 12.59 5.34
CA LYS C 58 -18.79 11.87 5.67
C LYS C 58 -18.59 10.38 5.41
N PRO C 59 -18.60 9.54 6.46
CA PRO C 59 -18.57 8.09 6.22
C PRO C 59 -19.87 7.62 5.58
N ILE C 60 -19.76 6.86 4.48
CA ILE C 60 -20.94 6.44 3.74
C ILE C 60 -20.95 4.93 3.52
N HIS C 61 -20.19 4.19 4.32
CA HIS C 61 -20.22 2.73 4.28
C HIS C 61 -20.42 2.20 5.70
N THR C 62 -20.99 0.99 5.79
CA THR C 62 -21.19 0.39 7.10
C THR C 62 -19.86 0.16 7.81
N ASN C 63 -18.82 -0.18 7.06
CA ASN C 63 -17.47 -0.16 7.59
C ASN C 63 -17.11 1.27 7.95
N PRO C 64 -16.86 1.59 9.22
CA PRO C 64 -16.79 2.99 9.64
C PRO C 64 -15.46 3.65 9.28
N CYS C 65 -15.46 4.97 9.41
CA CYS C 65 -14.26 5.78 9.42
C CYS C 65 -13.91 6.13 10.86
N PHE C 66 -12.66 6.52 11.07
CA PHE C 66 -12.18 6.87 12.40
C PHE C 66 -11.53 8.24 12.35
N TYR C 67 -11.57 8.93 13.48
CA TYR C 67 -11.17 10.33 13.56
C TYR C 67 -10.24 10.54 14.74
N GLN C 68 -9.27 11.43 14.55
CA GLN C 68 -8.32 11.78 15.61
C GLN C 68 -7.91 13.23 15.44
N SER C 69 -8.39 14.10 16.32
CA SER C 69 -8.01 15.50 16.25
C SER C 69 -6.52 15.67 16.55
N SER C 70 -5.97 16.79 16.10
CA SER C 70 -4.53 16.99 16.14
C SER C 70 -3.97 16.90 17.56
N GLU C 71 -4.70 17.41 18.55
CA GLU C 71 -4.22 17.43 19.92
C GLU C 71 -4.45 16.12 20.67
N LYS C 72 -5.16 15.16 20.08
CA LYS C 72 -5.55 13.95 20.76
C LYS C 72 -4.76 12.75 20.23
N SER C 73 -5.06 11.56 20.76
CA SER C 73 -4.21 10.41 20.57
C SER C 73 -4.97 9.12 20.27
N GLN C 74 -6.27 9.16 19.99
CA GLN C 74 -7.06 7.96 19.81
C GLN C 74 -7.93 8.09 18.57
N LEU C 75 -7.80 7.13 17.66
CA LEU C 75 -8.67 7.06 16.48
C LEU C 75 -10.07 6.64 16.92
N LEU C 76 -11.00 7.57 16.86
CA LEU C 76 -12.37 7.34 17.33
C LEU C 76 -13.28 7.05 16.15
N PRO C 77 -14.17 6.06 16.24
CA PRO C 77 -15.09 5.80 15.13
C PRO C 77 -16.09 6.94 14.96
N LEU C 78 -16.34 7.30 13.70
CA LEU C 78 -17.25 8.39 13.38
C LEU C 78 -18.69 7.89 13.30
N LYS C 79 -19.62 8.79 13.57
CA LYS C 79 -21.02 8.47 13.39
C LYS C 79 -21.34 8.27 11.91
N PRO C 80 -22.08 7.23 11.54
CA PRO C 80 -22.31 6.98 10.10
C PRO C 80 -23.15 8.08 9.45
N ASN C 81 -22.74 8.45 8.23
CA ASN C 81 -23.50 9.35 7.36
C ASN C 81 -23.68 10.73 7.98
N LEU C 82 -22.72 11.18 8.77
CA LEU C 82 -22.71 12.53 9.32
C LEU C 82 -21.40 13.21 8.96
N TRP C 83 -21.48 14.49 8.61
CA TRP C 83 -20.30 15.26 8.26
C TRP C 83 -19.50 15.63 9.50
N CYS C 84 -18.18 15.68 9.32
CA CYS C 84 -17.26 16.14 10.36
C CYS C 84 -16.18 16.99 9.71
N TYR C 85 -16.01 18.21 10.21
CA TYR C 85 -14.96 19.08 9.71
C TYR C 85 -13.60 18.65 10.23
N LEU C 86 -12.62 18.59 9.34
CA LEU C 86 -11.25 18.24 9.68
C LEU C 86 -10.37 19.46 9.56
N ASN C 87 -9.55 19.71 10.57
CA ASN C 87 -8.59 20.79 10.53
C ASN C 87 -7.20 20.27 10.22
N PRO C 88 -6.32 21.10 9.68
CA PRO C 88 -4.94 20.66 9.43
C PRO C 88 -4.32 20.09 10.69
N GLY C 89 -3.64 18.95 10.55
CA GLY C 89 -3.09 18.24 11.67
C GLY C 89 -3.99 17.13 12.20
N ASP C 90 -5.28 17.18 11.90
CA ASP C 90 -6.16 16.08 12.21
C ASP C 90 -5.79 14.86 11.37
N SER C 91 -6.29 13.70 11.80
CA SER C 91 -6.17 12.48 11.02
C SER C 91 -7.53 11.79 10.95
N PHE C 92 -7.72 11.05 9.86
CA PHE C 92 -8.81 10.10 9.74
C PHE C 92 -8.25 8.80 9.22
N SER C 93 -9.02 7.73 9.33
CA SER C 93 -8.59 6.43 8.83
C SER C 93 -9.80 5.64 8.37
N LEU C 94 -9.54 4.70 7.46
CA LEU C 94 -10.58 3.86 6.89
C LEU C 94 -10.67 2.50 7.57
N LEU C 95 -9.67 2.15 8.39
CA LEU C 95 -9.76 1.05 9.32
C LEU C 95 -9.25 1.54 10.67
N VAL C 96 -9.54 0.76 11.72
CA VAL C 96 -9.23 1.20 13.07
C VAL C 96 -7.75 1.53 13.22
N ASP C 97 -6.88 0.76 12.55
CA ASP C 97 -5.44 0.88 12.74
C ASP C 97 -4.69 0.77 11.41
N LYS C 98 -5.30 1.22 10.33
CA LYS C 98 -4.70 1.05 9.01
C LYS C 98 -5.29 2.10 8.07
N TYR C 99 -4.50 2.50 7.08
CA TYR C 99 -4.92 3.49 6.10
C TYR C 99 -5.35 4.79 6.81
N ILE C 100 -4.33 5.39 7.44
CA ILE C 100 -4.47 6.59 8.25
C ILE C 100 -3.87 7.75 7.47
N PHE C 101 -4.57 8.88 7.46
CA PHE C 101 -4.16 10.04 6.68
C PHE C 101 -4.23 11.30 7.55
N ARG C 102 -3.17 12.08 7.51
CA ARG C 102 -3.13 13.37 8.20
C ARG C 102 -3.51 14.49 7.24
N ILE C 103 -4.24 15.47 7.74
CA ILE C 103 -4.71 16.59 6.94
C ILE C 103 -3.64 17.67 6.93
N LEU C 104 -3.24 18.10 5.73
CA LEU C 104 -2.28 19.17 5.57
C LEU C 104 -2.91 20.34 4.84
N SER C 105 -2.58 21.54 5.29
CA SER C 105 -3.01 22.75 4.59
C SER C 105 -2.12 23.00 3.37
N ILE C 106 -2.70 23.64 2.38
CA ILE C 106 -1.95 24.12 1.22
C ILE C 106 -2.19 25.62 1.13
N PRO C 107 -1.11 26.43 1.19
CA PRO C 107 0.31 26.08 1.22
C PRO C 107 0.81 25.60 2.59
N SER C 108 2.10 25.28 2.66
CA SER C 108 2.74 24.80 3.89
C SER C 108 2.31 23.37 4.20
N PRO D 1 -6.99 -4.62 -9.85
CA PRO D 1 -6.52 -4.83 -8.47
C PRO D 1 -7.42 -4.16 -7.44
N TYR D 2 -8.26 -3.25 -7.92
CA TYR D 2 -9.20 -2.52 -7.08
C TYR D 2 -10.62 -3.10 -7.13
N ALA D 3 -10.82 -4.19 -7.89
CA ALA D 3 -12.14 -4.74 -8.10
C ALA D 3 -12.51 -5.71 -6.97
N GLY D 4 -13.81 -5.89 -6.79
CA GLY D 4 -14.31 -6.85 -5.83
C GLY D 4 -15.26 -6.23 -4.83
N GLU D 5 -16.23 -7.03 -4.37
CA GLU D 5 -17.19 -6.57 -3.38
C GLU D 5 -16.52 -6.45 -2.03
N ASP D 7 -15.55 -6.47 1.87
CA ASP D 7 -15.73 -7.39 2.99
C ASP D 7 -16.11 -6.64 4.25
N GLU D 8 -16.96 -7.25 5.07
CA GLU D 8 -17.34 -6.67 6.36
C GLU D 8 -16.15 -6.75 7.32
#